data_5UFN
#
_entry.id   5UFN
#
_cell.length_a   112.261
_cell.length_b   112.261
_cell.length_c   78.152
_cell.angle_alpha   90.00
_cell.angle_beta   90.00
_cell.angle_gamma   120.00
#
_symmetry.space_group_name_H-M   'P 61'
#
loop_
_entity.id
_entity.type
_entity.pdbx_description
1 polymer 'Methyltransferase domain protein'
2 non-polymer S-ADENOSYL-L-HOMOCYSTEINE
3 non-polymer 'SULFATE ION'
4 non-polymer '4-(2-HYDROXYETHYL)-1-PIPERAZINE ETHANESULFONIC ACID'
5 water water
#
_entity_poly.entity_id   1
_entity_poly.type   'polypeptide(L)'
_entity_poly.pdbx_seq_one_letter_code
;GHMSAAEPHYIDAQRAIAPVDAPLAAPHEYAAVLRSDFVSSYHDGRDVWTDEAAMRPASAILHAHLGRPAVVLDAGAGRG
RDTAYFLEQGHRVTAVDLVEPPEWAPLAQRWGERVRFVACPVSELDGEARFDGALDNGCLHHQHPDAYGTYLARIHALLR
PDGRFTISVFESDGPGRLYANHAQRLYREFTEPELAELLRAAHFTPVDSQRVPRPKAGLHYLVMTARKTDSTDASGRR
;
_entity_poly.pdbx_strand_id   A,B
#
# COMPACT_ATOMS: atom_id res chain seq x y z
N ALA A 6 -5.55 30.47 -1.81
CA ALA A 6 -6.33 29.34 -1.31
C ALA A 6 -7.80 29.50 -1.68
N GLU A 7 -8.41 28.42 -2.14
CA GLU A 7 -9.80 28.46 -2.58
C GLU A 7 -10.49 27.20 -2.08
N PRO A 8 -11.82 27.24 -1.95
N PRO A 8 -11.82 27.24 -1.96
CA PRO A 8 -12.55 26.05 -1.53
CA PRO A 8 -12.54 26.04 -1.51
C PRO A 8 -12.39 24.92 -2.55
C PRO A 8 -12.43 24.93 -2.55
N HIS A 9 -12.40 23.69 -2.05
CA HIS A 9 -12.27 22.53 -2.93
C HIS A 9 -12.78 21.30 -2.19
N TYR A 10 -13.20 20.31 -2.99
CA TYR A 10 -13.59 19.04 -2.42
C TYR A 10 -12.38 18.28 -1.93
N ILE A 11 -12.48 17.78 -0.70
CA ILE A 11 -11.42 16.98 -0.10
C ILE A 11 -11.75 15.50 -0.13
N ASP A 12 -13.01 15.15 -0.32
CA ASP A 12 -13.44 13.76 -0.47
C ASP A 12 -14.72 13.79 -1.31
N ALA A 13 -15.33 12.62 -1.49
CA ALA A 13 -16.47 12.56 -2.40
C ALA A 13 -17.58 13.54 -1.99
N GLN A 14 -17.78 13.73 -0.68
CA GLN A 14 -18.94 14.46 -0.21
C GLN A 14 -18.66 15.89 0.25
N ARG A 15 -17.44 16.20 0.70
CA ARG A 15 -17.19 17.42 1.47
C ARG A 15 -16.31 18.39 0.72
N ALA A 16 -16.80 19.61 0.55
CA ALA A 16 -15.97 20.75 0.20
C ALA A 16 -15.44 21.40 1.46
N ILE A 17 -14.18 21.82 1.43
CA ILE A 17 -13.57 22.51 2.56
C ILE A 17 -13.15 23.91 2.11
N ALA A 18 -13.26 24.86 3.03
CA ALA A 18 -12.94 26.24 2.69
C ALA A 18 -11.87 26.77 3.63
N PRO A 19 -11.00 27.65 3.15
CA PRO A 19 -9.92 28.19 4.00
C PRO A 19 -10.49 28.85 5.25
N VAL A 20 -9.82 28.62 6.38
CA VAL A 20 -10.21 29.27 7.62
C VAL A 20 -9.84 30.75 7.55
N ASP A 21 -10.81 31.62 7.83
CA ASP A 21 -10.60 33.05 7.82
C ASP A 21 -10.96 33.71 9.14
N ALA A 22 -11.65 33.01 10.02
CA ALA A 22 -12.03 33.48 11.34
C ALA A 22 -11.13 32.87 12.39
N PRO A 23 -11.06 33.47 13.59
CA PRO A 23 -10.29 32.86 14.68
C PRO A 23 -10.81 31.47 15.00
N LEU A 24 -9.87 30.54 15.20
CA LEU A 24 -10.23 29.15 15.42
C LEU A 24 -10.91 28.98 16.77
N ALA A 25 -11.80 28.00 16.83
CA ALA A 25 -12.34 27.57 18.12
C ALA A 25 -11.19 27.12 19.02
N ALA A 26 -11.30 27.48 20.30
CA ALA A 26 -10.27 27.10 21.25
C ALA A 26 -10.15 25.58 21.30
N PRO A 27 -8.96 25.05 21.65
CA PRO A 27 -8.77 23.60 21.61
C PRO A 27 -9.78 22.81 22.41
N HIS A 28 -10.21 23.32 23.57
CA HIS A 28 -11.20 22.62 24.38
C HIS A 28 -12.55 22.57 23.67
N GLU A 29 -13.01 23.71 23.15
CA GLU A 29 -14.24 23.71 22.37
C GLU A 29 -14.08 22.88 21.10
N TYR A 30 -12.90 22.95 20.47
CA TYR A 30 -12.72 22.21 19.22
C TYR A 30 -12.85 20.70 19.43
N ALA A 31 -12.41 20.20 20.58
CA ALA A 31 -12.53 18.76 20.83
C ALA A 31 -13.97 18.28 20.68
N ALA A 32 -14.94 19.09 21.13
CA ALA A 32 -16.35 18.72 20.98
C ALA A 32 -16.80 18.80 19.52
N VAL A 33 -16.35 19.84 18.79
CA VAL A 33 -16.67 19.93 17.37
C VAL A 33 -16.14 18.71 16.64
N LEU A 34 -14.93 18.29 16.99
CA LEU A 34 -14.29 17.14 16.35
C LEU A 34 -15.09 15.86 16.60
N ARG A 35 -15.42 15.58 17.87
CA ARG A 35 -16.21 14.38 18.19
C ARG A 35 -17.58 14.43 17.51
N SER A 36 -18.22 15.60 17.53
N SER A 36 -18.18 15.73 17.47
CA SER A 36 -19.56 15.72 16.97
CA SER A 36 -19.56 15.73 16.97
C SER A 36 -19.58 15.37 15.48
C SER A 36 -19.62 15.44 15.48
N ASP A 37 -18.62 15.91 14.72
CA ASP A 37 -18.61 15.64 13.28
C ASP A 37 -18.31 14.17 13.02
N PHE A 38 -17.33 13.61 13.72
CA PHE A 38 -16.99 12.22 13.45
C PHE A 38 -18.12 11.27 13.86
N VAL A 39 -18.77 11.50 15.01
CA VAL A 39 -19.82 10.56 15.39
C VAL A 39 -21.00 10.65 14.41
N SER A 40 -21.33 11.86 13.96
CA SER A 40 -22.40 12.01 12.98
C SER A 40 -22.02 11.35 11.66
N SER A 41 -20.77 11.54 11.23
CA SER A 41 -20.32 10.96 9.97
C SER A 41 -20.36 9.44 10.02
N TYR A 42 -19.89 8.84 11.11
CA TYR A 42 -19.93 7.39 11.19
C TYR A 42 -21.36 6.89 11.29
N HIS A 43 -22.18 7.54 12.12
N HIS A 43 -22.20 7.54 12.10
CA HIS A 43 -23.59 7.17 12.25
CA HIS A 43 -23.58 7.07 12.22
C HIS A 43 -24.29 7.17 10.90
C HIS A 43 -24.33 7.16 10.89
N ASP A 44 -24.03 8.19 10.09
CA ASP A 44 -24.71 8.37 8.81
C ASP A 44 -24.11 7.52 7.71
N GLY A 45 -22.95 6.91 7.94
CA GLY A 45 -22.23 6.27 6.84
C GLY A 45 -21.62 7.26 5.88
N ARG A 46 -21.26 8.44 6.36
CA ARG A 46 -20.56 9.44 5.57
C ARG A 46 -19.06 9.38 5.78
N ASP A 47 -18.57 8.31 6.40
CA ASP A 47 -17.13 8.04 6.54
C ASP A 47 -16.59 7.48 5.22
N VAL A 48 -16.53 8.36 4.21
CA VAL A 48 -16.17 7.91 2.87
C VAL A 48 -14.72 7.47 2.80
N TRP A 49 -13.90 7.90 3.78
CA TRP A 49 -12.51 7.44 3.84
C TRP A 49 -12.40 5.94 4.07
N THR A 50 -13.38 5.33 4.75
CA THR A 50 -13.21 3.94 5.15
C THR A 50 -13.00 3.03 3.96
N ASP A 51 -13.73 3.26 2.88
CA ASP A 51 -13.69 2.39 1.70
C ASP A 51 -12.89 2.99 0.56
N GLU A 52 -12.19 4.10 0.78
CA GLU A 52 -11.36 4.67 -0.27
C GLU A 52 -10.13 3.80 -0.47
N ALA A 53 -9.90 3.38 -1.71
CA ALA A 53 -8.80 2.46 -1.98
C ALA A 53 -7.45 3.07 -1.63
N ALA A 54 -7.30 4.40 -1.81
CA ALA A 54 -6.05 5.08 -1.53
C ALA A 54 -5.67 5.05 -0.06
N MET A 55 -6.59 4.68 0.83
CA MET A 55 -6.25 4.58 2.25
C MET A 55 -5.47 3.31 2.60
N ARG A 56 -5.40 2.33 1.70
CA ARG A 56 -4.79 1.04 2.04
C ARG A 56 -3.26 1.01 2.04
N PRO A 57 -2.55 1.76 1.20
CA PRO A 57 -1.08 1.66 1.22
C PRO A 57 -0.43 1.97 2.56
N ALA A 58 -0.96 2.92 3.35
CA ALA A 58 -0.24 3.38 4.54
C ALA A 58 0.10 2.25 5.50
N SER A 59 -0.85 1.35 5.75
CA SER A 59 -0.60 0.24 6.68
C SER A 59 0.48 -0.70 6.15
N ALA A 60 0.48 -0.96 4.84
CA ALA A 60 1.52 -1.80 4.26
C ALA A 60 2.88 -1.12 4.34
N ILE A 61 2.90 0.20 4.20
CA ILE A 61 4.13 0.95 4.36
C ILE A 61 4.67 0.80 5.78
N LEU A 62 3.83 0.99 6.79
CA LEU A 62 4.31 0.80 8.17
C LEU A 62 4.82 -0.62 8.37
N HIS A 63 4.07 -1.63 7.90
CA HIS A 63 4.56 -2.99 8.09
C HIS A 63 5.93 -3.18 7.45
N ALA A 64 6.12 -2.65 6.24
CA ALA A 64 7.41 -2.79 5.56
C ALA A 64 8.54 -2.22 6.39
N HIS A 65 8.28 -1.14 7.14
CA HIS A 65 9.31 -0.55 7.99
C HIS A 65 9.49 -1.27 9.32
N LEU A 66 8.56 -2.15 9.69
CA LEU A 66 8.73 -3.01 10.86
C LEU A 66 9.39 -4.32 10.47
N GLY A 67 8.88 -4.98 9.43
CA GLY A 67 9.48 -6.18 8.89
C GLY A 67 9.30 -7.44 9.70
N ARG A 68 8.49 -7.41 10.75
CA ARG A 68 8.31 -8.54 11.65
C ARG A 68 7.00 -8.33 12.37
N PRO A 69 6.37 -9.40 12.87
CA PRO A 69 5.23 -9.23 13.77
C PRO A 69 5.67 -8.47 15.02
N ALA A 70 4.87 -7.49 15.41
CA ALA A 70 5.26 -6.56 16.47
C ALA A 70 4.01 -6.08 17.18
N VAL A 71 4.13 -4.99 17.93
CA VAL A 71 3.03 -4.41 18.69
C VAL A 71 2.77 -3.02 18.11
N VAL A 72 1.55 -2.80 17.62
CA VAL A 72 1.24 -1.65 16.79
C VAL A 72 0.06 -0.88 17.39
N LEU A 73 0.20 0.45 17.39
CA LEU A 73 -0.88 1.37 17.75
C LEU A 73 -1.50 1.94 16.49
N ASP A 74 -2.84 1.89 16.41
CA ASP A 74 -3.61 2.47 15.31
C ASP A 74 -4.33 3.67 15.91
N ALA A 75 -3.79 4.87 15.66
CA ALA A 75 -4.23 6.10 16.29
C ALA A 75 -5.32 6.74 15.44
N GLY A 76 -6.56 6.73 15.94
CA GLY A 76 -7.68 7.17 15.12
C GLY A 76 -8.13 6.08 14.17
N ALA A 77 -8.36 4.87 14.69
CA ALA A 77 -8.47 3.66 13.89
C ALA A 77 -9.77 3.54 13.11
N GLY A 78 -10.78 4.37 13.40
CA GLY A 78 -12.01 4.27 12.63
C GLY A 78 -12.63 2.90 12.75
N ARG A 79 -13.13 2.40 11.62
CA ARG A 79 -13.85 1.14 11.62
C ARG A 79 -12.94 -0.07 11.71
N GLY A 80 -11.63 0.11 11.64
CA GLY A 80 -10.70 -0.98 11.90
C GLY A 80 -10.10 -1.65 10.69
N ARG A 81 -10.23 -1.06 9.48
CA ARG A 81 -9.63 -1.66 8.29
C ARG A 81 -8.13 -1.90 8.47
N ASP A 82 -7.41 -0.88 8.92
CA ASP A 82 -5.96 -1.04 9.09
C ASP A 82 -5.65 -1.95 10.26
N THR A 83 -6.45 -1.89 11.32
CA THR A 83 -6.25 -2.77 12.45
C THR A 83 -6.35 -4.23 12.01
N ALA A 84 -7.37 -4.56 11.20
CA ALA A 84 -7.47 -5.90 10.64
C ALA A 84 -6.25 -6.24 9.79
N TYR A 85 -5.79 -5.29 8.97
CA TYR A 85 -4.62 -5.53 8.14
C TYR A 85 -3.43 -5.92 9.01
N PHE A 86 -3.18 -5.15 10.08
CA PHE A 86 -2.06 -5.46 10.95
C PHE A 86 -2.23 -6.81 11.64
N LEU A 87 -3.43 -7.13 12.11
CA LEU A 87 -3.67 -8.41 12.74
C LEU A 87 -3.39 -9.57 11.79
N GLU A 88 -3.75 -9.40 10.50
CA GLU A 88 -3.46 -10.44 9.51
C GLU A 88 -1.97 -10.66 9.28
N GLN A 89 -1.12 -9.72 9.67
CA GLN A 89 0.32 -9.91 9.56
C GLN A 89 0.92 -10.51 10.83
N GLY A 90 0.11 -10.78 11.85
CA GLY A 90 0.63 -11.32 13.08
C GLY A 90 0.91 -10.30 14.16
N HIS A 91 0.60 -9.03 13.93
CA HIS A 91 0.83 -8.03 14.97
C HIS A 91 -0.18 -8.15 16.09
N ARG A 92 0.21 -7.63 17.24
CA ARG A 92 -0.71 -7.30 18.32
C ARG A 92 -1.02 -5.81 18.20
N VAL A 93 -2.30 -5.45 18.24
CA VAL A 93 -2.72 -4.10 17.89
C VAL A 93 -3.56 -3.51 19.00
N THR A 94 -3.32 -2.24 19.32
CA THR A 94 -4.23 -1.42 20.08
C THR A 94 -4.80 -0.38 19.14
N ALA A 95 -6.12 -0.34 19.02
CA ALA A 95 -6.82 0.59 18.15
C ALA A 95 -7.56 1.57 19.02
N VAL A 96 -7.40 2.86 18.74
N VAL A 96 -7.38 2.86 18.76
CA VAL A 96 -7.95 3.94 19.55
CA VAL A 96 -7.98 3.91 19.58
C VAL A 96 -8.73 4.88 18.65
C VAL A 96 -8.73 4.88 18.67
N ASP A 97 -9.90 5.33 19.11
CA ASP A 97 -10.67 6.31 18.35
C ASP A 97 -11.65 7.01 19.29
N LEU A 98 -11.95 8.28 18.96
CA LEU A 98 -12.99 9.04 19.64
C LEU A 98 -14.37 8.39 19.49
N VAL A 99 -14.58 7.68 18.39
CA VAL A 99 -15.88 7.10 18.06
C VAL A 99 -15.72 5.59 18.00
N GLU A 100 -16.54 4.87 18.75
CA GLU A 100 -16.55 3.42 18.65
C GLU A 100 -17.60 2.98 17.65
N PRO A 101 -17.21 2.36 16.54
CA PRO A 101 -18.17 1.87 15.57
C PRO A 101 -18.54 0.42 15.87
N PRO A 102 -19.61 -0.08 15.28
CA PRO A 102 -20.00 -1.47 15.53
C PRO A 102 -18.99 -2.49 15.07
N GLU A 103 -18.13 -2.14 14.10
CA GLU A 103 -17.23 -3.10 13.49
C GLU A 103 -16.14 -3.60 14.44
N TRP A 104 -15.92 -2.94 15.57
CA TRP A 104 -14.92 -3.43 16.50
C TRP A 104 -15.30 -4.79 17.08
N ALA A 105 -16.60 -5.06 17.26
CA ALA A 105 -17.01 -6.32 17.86
C ALA A 105 -16.63 -7.53 17.01
N PRO A 106 -16.95 -7.60 15.72
CA PRO A 106 -16.47 -8.76 14.94
C PRO A 106 -14.97 -8.86 14.87
N LEU A 107 -14.25 -7.74 14.91
CA LEU A 107 -12.80 -7.81 14.95
C LEU A 107 -12.32 -8.44 16.24
N ALA A 108 -12.88 -8.02 17.37
CA ALA A 108 -12.53 -8.64 18.66
C ALA A 108 -12.83 -10.14 18.63
N GLN A 109 -13.94 -10.54 18.02
CA GLN A 109 -14.25 -11.96 17.95
C GLN A 109 -13.21 -12.71 17.14
N ARG A 110 -12.78 -12.14 16.02
CA ARG A 110 -11.87 -12.85 15.13
C ARG A 110 -10.48 -12.99 15.74
N TRP A 111 -10.02 -11.96 16.46
CA TRP A 111 -8.63 -11.88 16.86
C TRP A 111 -8.37 -12.02 18.35
N GLY A 112 -9.41 -12.04 19.20
CA GLY A 112 -9.19 -12.32 20.60
C GLY A 112 -8.25 -11.33 21.25
N GLU A 113 -7.38 -11.86 22.11
CA GLU A 113 -6.48 -11.01 22.89
C GLU A 113 -5.44 -10.31 22.04
N ARG A 114 -5.33 -10.66 20.76
N ARG A 114 -5.33 -10.65 20.75
CA ARG A 114 -4.34 -9.98 19.94
CA ARG A 114 -4.35 -10.00 19.90
C ARG A 114 -4.73 -8.56 19.60
C ARG A 114 -4.74 -8.57 19.56
N VAL A 115 -5.99 -8.18 19.80
CA VAL A 115 -6.44 -6.83 19.56
C VAL A 115 -7.02 -6.25 20.83
N ARG A 116 -6.73 -4.96 21.07
CA ARG A 116 -7.33 -4.20 22.15
C ARG A 116 -7.92 -2.93 21.57
N PHE A 117 -9.11 -2.55 22.01
CA PHE A 117 -9.77 -1.35 21.54
C PHE A 117 -9.95 -0.39 22.69
N VAL A 118 -9.75 0.90 22.45
CA VAL A 118 -10.05 1.93 23.43
C VAL A 118 -10.76 3.08 22.73
N ALA A 119 -11.96 3.43 23.21
CA ALA A 119 -12.72 4.53 22.65
C ALA A 119 -12.37 5.82 23.41
N CYS A 120 -11.19 6.33 23.16
CA CYS A 120 -10.70 7.52 23.84
C CYS A 120 -9.90 8.40 22.88
N PRO A 121 -9.68 9.67 23.22
CA PRO A 121 -8.72 10.46 22.46
C PRO A 121 -7.32 9.89 22.61
N VAL A 122 -6.53 10.04 21.54
CA VAL A 122 -5.12 9.66 21.59
C VAL A 122 -4.42 10.25 22.82
N SER A 123 -4.74 11.49 23.16
CA SER A 123 -4.12 12.17 24.30
C SER A 123 -4.36 11.46 25.62
N GLU A 124 -5.42 10.66 25.73
CA GLU A 124 -5.74 9.96 26.97
C GLU A 124 -4.99 8.66 27.12
N LEU A 125 -4.32 8.18 26.08
CA LEU A 125 -3.58 6.93 26.19
C LEU A 125 -2.46 7.07 27.20
N ASP A 126 -2.44 6.15 28.16
CA ASP A 126 -1.40 6.14 29.17
C ASP A 126 -0.28 5.22 28.74
N GLY A 127 0.92 5.50 29.24
CA GLY A 127 2.04 4.60 29.10
C GLY A 127 3.18 5.22 28.30
N GLU A 128 4.29 4.50 28.31
CA GLU A 128 5.47 4.86 27.55
C GLU A 128 6.09 3.57 27.03
N ALA A 129 6.66 3.65 25.82
CA ALA A 129 7.46 2.55 25.29
C ALA A 129 6.68 1.24 25.27
N ARG A 130 5.46 1.31 24.73
CA ARG A 130 4.58 0.15 24.65
C ARG A 130 4.44 -0.40 23.24
N PHE A 131 4.84 0.35 22.22
CA PHE A 131 4.57 -0.02 20.85
C PHE A 131 5.84 0.03 20.01
N ASP A 132 5.96 -0.93 19.10
CA ASP A 132 7.03 -0.93 18.11
C ASP A 132 6.67 -0.07 16.91
N GLY A 133 5.39 0.10 16.62
CA GLY A 133 4.96 0.88 15.48
C GLY A 133 3.68 1.61 15.83
N ALA A 134 3.46 2.71 15.13
CA ALA A 134 2.24 3.48 15.26
C ALA A 134 1.84 3.99 13.90
N LEU A 135 0.55 3.88 13.58
CA LEU A 135 -0.03 4.39 12.35
C LEU A 135 -1.02 5.50 12.69
N ASP A 136 -0.88 6.64 12.03
CA ASP A 136 -1.88 7.70 12.05
C ASP A 136 -2.33 7.82 10.60
N ASN A 137 -3.47 7.22 10.28
CA ASN A 137 -3.97 7.25 8.91
C ASN A 137 -5.12 8.27 8.87
N GLY A 138 -4.73 9.54 8.78
CA GLY A 138 -5.70 10.60 8.61
C GLY A 138 -6.33 11.14 9.87
N CYS A 139 -5.62 11.10 11.00
CA CYS A 139 -6.14 11.63 12.26
C CYS A 139 -5.48 12.97 12.62
N LEU A 140 -4.15 13.01 12.69
CA LEU A 140 -3.42 14.23 13.04
C LEU A 140 -3.91 15.44 12.24
N HIS A 141 -4.13 15.28 10.93
CA HIS A 141 -4.42 16.47 10.12
C HIS A 141 -5.78 17.09 10.43
N HIS A 142 -6.56 16.49 11.33
CA HIS A 142 -7.79 17.08 11.83
C HIS A 142 -7.66 17.69 13.22
N GLN A 143 -6.49 17.63 13.85
CA GLN A 143 -6.40 18.18 15.19
C GLN A 143 -6.30 19.70 15.14
N HIS A 144 -6.62 20.32 16.27
CA HIS A 144 -6.36 21.74 16.41
C HIS A 144 -4.86 21.98 16.29
N PRO A 145 -4.42 22.99 15.52
CA PRO A 145 -2.98 23.22 15.36
C PRO A 145 -2.24 23.38 16.67
N ASP A 146 -2.87 23.97 17.68
CA ASP A 146 -2.19 24.13 18.97
C ASP A 146 -2.05 22.82 19.71
N ALA A 147 -2.63 21.73 19.20
CA ALA A 147 -2.54 20.42 19.82
C ALA A 147 -1.63 19.46 19.08
N TYR A 148 -1.04 19.88 17.95
CA TYR A 148 -0.15 18.99 17.21
C TYR A 148 1.00 18.51 18.10
N GLY A 149 1.62 19.44 18.83
CA GLY A 149 2.78 19.07 19.64
C GLY A 149 2.46 18.04 20.69
N THR A 150 1.36 18.24 21.43
CA THR A 150 1.01 17.29 22.49
C THR A 150 0.55 15.95 21.91
N TYR A 151 -0.14 15.98 20.78
CA TYR A 151 -0.54 14.74 20.12
C TYR A 151 0.68 13.94 19.68
N LEU A 152 1.61 14.59 18.97
CA LEU A 152 2.78 13.88 18.49
C LEU A 152 3.68 13.45 19.64
N ALA A 153 3.74 14.24 20.72
CA ALA A 153 4.54 13.83 21.87
C ALA A 153 3.98 12.59 22.54
N ARG A 154 2.66 12.42 22.53
CA ARG A 154 2.09 11.20 23.09
C ARG A 154 2.46 9.99 22.25
N ILE A 155 2.34 10.11 20.92
N ILE A 155 2.38 10.11 20.92
CA ILE A 155 2.81 9.07 20.01
CA ILE A 155 2.79 8.98 20.08
C ILE A 155 4.27 8.75 20.28
C ILE A 155 4.30 8.73 20.20
N HIS A 156 5.10 9.80 20.35
CA HIS A 156 6.53 9.62 20.54
C HIS A 156 6.82 8.87 21.83
N ALA A 157 6.13 9.25 22.91
CA ALA A 157 6.36 8.60 24.20
C ALA A 157 5.88 7.15 24.18
N LEU A 158 4.78 6.88 23.47
CA LEU A 158 4.23 5.53 23.44
C LEU A 158 5.11 4.57 22.64
N LEU A 159 5.93 5.07 21.73
CA LEU A 159 6.79 4.21 20.95
C LEU A 159 8.03 3.81 21.74
N ARG A 160 8.49 2.59 21.50
CA ARG A 160 9.73 2.08 22.04
C ARG A 160 10.92 2.80 21.39
N PRO A 161 12.14 2.64 21.94
CA PRO A 161 13.29 3.38 21.40
C PRO A 161 13.49 3.22 19.90
N ASP A 162 13.32 2.02 19.36
CA ASP A 162 13.45 1.81 17.92
C ASP A 162 12.11 1.83 17.20
N GLY A 163 11.14 2.58 17.71
CA GLY A 163 9.82 2.59 17.11
C GLY A 163 9.78 3.25 15.75
N ARG A 164 8.77 2.91 14.98
CA ARG A 164 8.48 3.55 13.71
C ARG A 164 7.08 4.15 13.74
N PHE A 165 6.93 5.32 13.12
CA PHE A 165 5.66 6.04 13.06
C PHE A 165 5.36 6.34 11.60
N THR A 166 4.21 5.88 11.11
CA THR A 166 3.77 6.20 9.77
C THR A 166 2.54 7.09 9.87
N ILE A 167 2.55 8.22 9.16
CA ILE A 167 1.47 9.20 9.21
C ILE A 167 1.05 9.52 7.79
N SER A 168 -0.26 9.54 7.55
CA SER A 168 -0.80 9.93 6.27
C SER A 168 -1.59 11.21 6.45
N VAL A 169 -1.30 12.22 5.61
CA VAL A 169 -2.01 13.49 5.63
C VAL A 169 -2.45 13.86 4.21
N PHE A 170 -3.39 14.80 4.13
CA PHE A 170 -3.72 15.39 2.83
C PHE A 170 -2.51 16.13 2.28
N GLU A 171 -2.20 15.90 1.01
CA GLU A 171 -1.11 16.62 0.36
C GLU A 171 -1.65 17.93 -0.20
N SER A 172 -0.89 19.00 0.02
N SER A 172 -0.90 19.00 0.03
CA SER A 172 -1.27 20.31 -0.45
CA SER A 172 -1.33 20.31 -0.44
C SER A 172 -0.75 20.54 -1.86
C SER A 172 -0.72 20.62 -1.80
N ASP A 173 -1.47 21.38 -2.61
CA ASP A 173 -0.99 21.90 -3.88
C ASP A 173 -0.48 23.30 -3.56
N GLY A 174 0.84 23.43 -3.46
CA GLY A 174 1.44 24.66 -3.00
C GLY A 174 1.51 24.68 -1.48
N PRO A 175 1.92 25.80 -0.90
CA PRO A 175 2.05 25.87 0.56
C PRO A 175 0.78 25.44 1.27
N GLY A 176 0.95 24.63 2.31
CA GLY A 176 -0.20 24.03 2.97
C GLY A 176 -0.98 25.04 3.79
N ARG A 177 -2.32 24.91 3.74
CA ARG A 177 -3.22 25.83 4.41
C ARG A 177 -4.18 25.02 5.29
N LEU A 178 -4.85 25.75 6.19
CA LEU A 178 -5.85 25.20 7.09
C LEU A 178 -7.23 25.51 6.53
N TYR A 179 -8.11 24.50 6.53
CA TYR A 179 -9.46 24.60 6.00
C TYR A 179 -10.44 24.06 7.03
N ALA A 180 -11.73 24.26 6.76
CA ALA A 180 -12.77 23.63 7.57
C ALA A 180 -13.89 23.13 6.68
N ASN A 181 -14.49 22.01 7.08
CA ASN A 181 -15.68 21.52 6.41
C ASN A 181 -16.91 22.22 6.98
N HIS A 182 -18.10 21.87 6.46
CA HIS A 182 -19.30 22.57 6.88
C HIS A 182 -19.59 22.35 8.36
N ALA A 183 -19.23 21.18 8.88
CA ALA A 183 -19.39 20.86 10.30
C ALA A 183 -18.31 21.49 11.17
N GLN A 184 -17.40 22.26 10.60
N GLN A 184 -17.38 22.23 10.57
CA GLN A 184 -16.34 23.00 11.30
CA GLN A 184 -16.34 22.99 11.26
C GLN A 184 -15.17 22.13 11.74
C GLN A 184 -15.21 22.12 11.78
N ARG A 185 -15.07 20.90 11.25
CA ARG A 185 -13.87 20.12 11.45
C ARG A 185 -12.74 20.75 10.66
N LEU A 186 -11.56 20.83 11.26
CA LEU A 186 -10.40 21.41 10.61
C LEU A 186 -9.69 20.36 9.74
N TYR A 187 -9.11 20.85 8.64
CA TYR A 187 -8.34 20.04 7.70
C TYR A 187 -7.07 20.81 7.39
N ARG A 188 -5.92 20.23 7.70
CA ARG A 188 -4.65 20.80 7.30
C ARG A 188 -4.07 19.98 6.16
N GLU A 189 -3.72 20.64 5.07
CA GLU A 189 -3.00 20.01 3.97
C GLU A 189 -1.52 20.38 4.09
N PHE A 190 -0.63 19.44 3.79
CA PHE A 190 0.80 19.63 3.98
C PHE A 190 1.55 19.41 2.67
N THR A 191 2.64 20.15 2.49
CA THR A 191 3.68 19.74 1.56
C THR A 191 4.62 18.77 2.27
N GLU A 192 5.39 18.01 1.48
CA GLU A 192 6.37 17.11 2.09
C GLU A 192 7.36 17.83 3.00
N PRO A 193 7.95 18.96 2.59
CA PRO A 193 8.82 19.69 3.53
C PRO A 193 8.10 20.13 4.79
N GLU A 194 6.84 20.56 4.68
CA GLU A 194 6.10 21.00 5.86
C GLU A 194 5.85 19.84 6.82
N LEU A 195 5.45 18.69 6.31
CA LEU A 195 5.23 17.55 7.19
C LEU A 195 6.53 17.06 7.79
N ALA A 196 7.60 17.00 6.99
CA ALA A 196 8.90 16.60 7.53
C ALA A 196 9.35 17.55 8.63
N GLU A 197 9.15 18.86 8.43
CA GLU A 197 9.52 19.85 9.45
C GLU A 197 8.71 19.65 10.73
N LEU A 198 7.40 19.38 10.58
CA LEU A 198 6.57 19.13 11.76
C LEU A 198 7.08 17.92 12.53
N LEU A 199 7.41 16.84 11.82
CA LEU A 199 7.89 15.63 12.49
C LEU A 199 9.23 15.87 13.17
N ARG A 200 10.17 16.54 12.48
CA ARG A 200 11.47 16.84 13.08
C ARG A 200 11.31 17.66 14.34
N ALA A 201 10.41 18.64 14.34
CA ALA A 201 10.18 19.45 15.54
C ALA A 201 9.62 18.59 16.68
N ALA A 202 8.91 17.51 16.34
CA ALA A 202 8.40 16.56 17.32
C ALA A 202 9.37 15.42 17.60
N HIS A 203 10.64 15.57 17.22
CA HIS A 203 11.70 14.62 17.56
C HIS A 203 11.56 13.29 16.82
N PHE A 204 11.04 13.35 15.60
CA PHE A 204 10.99 12.22 14.69
C PHE A 204 11.90 12.54 13.51
N THR A 205 12.58 11.52 12.98
CA THR A 205 13.40 11.68 11.79
C THR A 205 12.76 10.92 10.64
N PRO A 206 12.24 11.59 9.62
CA PRO A 206 11.65 10.88 8.47
C PRO A 206 12.67 9.99 7.78
N VAL A 207 12.21 8.77 7.46
CA VAL A 207 13.01 7.80 6.72
C VAL A 207 12.40 7.42 5.38
N ASP A 208 11.16 7.79 5.11
CA ASP A 208 10.47 7.43 3.88
C ASP A 208 9.32 8.40 3.72
N SER A 209 8.95 8.66 2.47
N SER A 209 8.96 8.67 2.47
CA SER A 209 7.71 9.39 2.24
CA SER A 209 7.75 9.43 2.18
C SER A 209 7.21 9.05 0.84
C SER A 209 7.22 8.98 0.83
N GLN A 210 5.91 8.86 0.72
CA GLN A 210 5.29 8.40 -0.52
C GLN A 210 4.09 9.27 -0.83
N ARG A 211 3.96 9.63 -2.10
CA ARG A 211 2.77 10.33 -2.61
C ARG A 211 1.82 9.26 -3.12
N VAL A 212 0.71 9.08 -2.41
CA VAL A 212 -0.25 8.03 -2.73
C VAL A 212 -1.41 8.68 -3.49
N PRO A 213 -1.65 8.30 -4.74
CA PRO A 213 -2.73 8.95 -5.49
C PRO A 213 -4.09 8.60 -4.91
N ARG A 214 -4.99 9.58 -4.95
CA ARG A 214 -6.39 9.40 -4.61
C ARG A 214 -7.14 9.59 -5.91
N PRO A 215 -7.24 8.56 -6.75
CA PRO A 215 -7.66 8.79 -8.14
C PRO A 215 -9.08 9.33 -8.27
N LYS A 216 -10.03 8.78 -7.50
CA LYS A 216 -11.40 9.26 -7.63
C LYS A 216 -11.55 10.69 -7.11
N ALA A 217 -10.80 11.05 -6.07
CA ALA A 217 -10.85 12.40 -5.54
C ALA A 217 -10.00 13.39 -6.33
N GLY A 218 -9.10 12.91 -7.20
CA GLY A 218 -8.20 13.79 -7.92
C GLY A 218 -7.13 14.45 -7.06
N LEU A 219 -6.69 13.79 -6.00
CA LEU A 219 -5.78 14.37 -5.02
C LEU A 219 -4.72 13.34 -4.67
N HIS A 220 -3.92 13.63 -3.64
CA HIS A 220 -2.94 12.67 -3.13
C HIS A 220 -2.92 12.72 -1.60
N TYR A 221 -2.59 11.59 -0.99
CA TYR A 221 -2.12 11.58 0.38
C TYR A 221 -0.59 11.58 0.40
N LEU A 222 -0.04 12.15 1.46
N LEU A 222 -0.03 12.20 1.43
CA LEU A 222 1.39 12.10 1.73
CA LEU A 222 1.38 12.10 1.73
C LEU A 222 1.58 11.18 2.91
C LEU A 222 1.51 11.13 2.89
N VAL A 223 2.28 10.06 2.70
CA VAL A 223 2.44 9.04 3.73
C VAL A 223 3.91 8.98 4.10
N MET A 224 4.22 9.46 5.30
CA MET A 224 5.60 9.62 5.74
C MET A 224 5.86 8.71 6.92
N THR A 225 7.02 8.06 6.94
CA THR A 225 7.41 7.18 8.02
C THR A 225 8.66 7.75 8.67
N ALA A 226 8.70 7.69 10.00
CA ALA A 226 9.81 8.26 10.75
C ALA A 226 10.25 7.32 11.86
N ARG A 227 11.51 7.45 12.25
CA ARG A 227 11.99 6.91 13.51
C ARG A 227 12.11 8.04 14.52
N LYS A 228 12.37 7.69 15.78
CA LYS A 228 12.72 8.73 16.75
C LYS A 228 14.06 9.34 16.40
N THR A 229 14.16 10.66 16.55
CA THR A 229 15.45 11.31 16.41
C THR A 229 16.37 10.91 17.56
N ASP A 230 17.61 10.57 17.23
CA ASP A 230 18.58 10.15 18.25
C ASP A 230 18.90 11.32 19.18
N PRO B 8 -11.54 -26.42 -8.48
CA PRO B 8 -11.77 -25.21 -9.26
C PRO B 8 -12.46 -24.10 -8.47
N HIS B 9 -11.94 -22.87 -8.60
CA HIS B 9 -12.49 -21.74 -7.87
C HIS B 9 -12.29 -20.48 -8.69
N TYR B 10 -13.06 -19.44 -8.34
CA TYR B 10 -12.91 -18.15 -8.99
C TYR B 10 -11.68 -17.45 -8.44
N ILE B 11 -10.83 -16.96 -9.34
CA ILE B 11 -9.62 -16.24 -8.96
C ILE B 11 -9.81 -14.73 -9.06
N ASP B 12 -10.78 -14.26 -9.84
CA ASP B 12 -11.09 -12.84 -9.92
C ASP B 12 -12.58 -12.70 -10.22
N ALA B 13 -13.00 -11.47 -10.51
CA ALA B 13 -14.42 -11.18 -10.71
C ALA B 13 -15.02 -11.88 -11.93
N GLN B 14 -14.19 -12.47 -12.79
CA GLN B 14 -14.69 -12.99 -14.07
C GLN B 14 -14.20 -14.38 -14.44
N ARG B 15 -13.09 -14.87 -13.89
CA ARG B 15 -12.46 -16.09 -14.38
C ARG B 15 -12.45 -17.16 -13.30
N ALA B 16 -12.91 -18.35 -13.65
CA ALA B 16 -12.73 -19.54 -12.84
C ALA B 16 -11.49 -20.29 -13.33
N ILE B 17 -10.72 -20.83 -12.40
CA ILE B 17 -9.52 -21.58 -12.74
C ILE B 17 -9.65 -22.99 -12.17
N ALA B 18 -9.06 -23.95 -12.86
CA ALA B 18 -9.19 -25.34 -12.47
C ALA B 18 -7.81 -25.98 -12.44
N PRO B 19 -7.60 -26.97 -11.57
CA PRO B 19 -6.26 -27.56 -11.45
C PRO B 19 -5.79 -28.15 -12.78
N VAL B 20 -4.49 -28.02 -13.03
N VAL B 20 -4.50 -28.01 -13.05
CA VAL B 20 -3.88 -28.67 -14.18
CA VAL B 20 -3.93 -28.49 -14.31
C VAL B 20 -3.70 -30.16 -13.87
C VAL B 20 -4.03 -30.02 -14.34
N ASP B 21 -4.12 -31.01 -14.81
N ASP B 21 -4.61 -30.54 -15.43
CA ASP B 21 -4.05 -32.45 -14.63
CA ASP B 21 -4.89 -31.97 -15.54
C ASP B 21 -3.44 -33.13 -15.84
C ASP B 21 -4.29 -32.58 -16.80
N ALA B 22 -2.89 -32.37 -16.78
N ALA B 22 -3.12 -32.11 -17.20
CA ALA B 22 -2.33 -32.87 -18.03
CA ALA B 22 -2.45 -32.62 -18.40
C ALA B 22 -0.93 -32.33 -18.18
C ALA B 22 -0.97 -32.23 -18.32
N PRO B 23 -0.11 -32.94 -19.04
CA PRO B 23 1.26 -32.43 -19.23
C PRO B 23 1.21 -31.05 -19.84
N LEU B 24 2.06 -30.16 -19.34
CA LEU B 24 2.10 -28.80 -19.83
C LEU B 24 2.80 -28.76 -21.18
N ALA B 25 2.39 -27.79 -22.00
CA ALA B 25 3.15 -27.49 -23.20
C ALA B 25 4.53 -26.96 -22.82
N ALA B 26 5.45 -27.02 -23.78
CA ALA B 26 6.80 -26.51 -23.55
C ALA B 26 6.73 -25.02 -23.26
N PRO B 27 7.71 -24.48 -22.54
CA PRO B 27 7.67 -23.03 -22.26
C PRO B 27 7.55 -22.16 -23.49
N HIS B 28 8.22 -22.51 -24.59
CA HIS B 28 8.07 -21.70 -25.79
C HIS B 28 6.65 -21.74 -26.32
N GLU B 29 6.05 -22.93 -26.39
CA GLU B 29 4.66 -23.06 -26.82
C GLU B 29 3.74 -22.28 -25.89
N TYR B 30 3.98 -22.36 -24.58
CA TYR B 30 3.13 -21.65 -23.63
C TYR B 30 3.22 -20.14 -23.81
N ALA B 31 4.38 -19.63 -24.24
CA ALA B 31 4.55 -18.19 -24.40
C ALA B 31 3.50 -17.60 -25.32
N ALA B 32 3.14 -18.30 -26.40
CA ALA B 32 2.10 -17.80 -27.29
C ALA B 32 0.72 -17.82 -26.62
N VAL B 33 0.44 -18.87 -25.85
CA VAL B 33 -0.81 -18.95 -25.11
C VAL B 33 -0.91 -17.80 -24.12
N LEU B 34 0.17 -17.60 -23.36
CA LEU B 34 0.25 -16.53 -22.37
C LEU B 34 0.02 -15.17 -23.03
N ARG B 35 0.77 -14.87 -24.09
CA ARG B 35 0.63 -13.57 -24.73
C ARG B 35 -0.77 -13.38 -25.34
N SER B 36 -1.29 -14.40 -26.02
CA SER B 36 -2.59 -14.27 -26.66
C SER B 36 -3.70 -14.01 -25.65
N ASP B 37 -3.65 -14.68 -24.49
CA ASP B 37 -4.68 -14.42 -23.49
C ASP B 37 -4.60 -13.00 -22.97
N PHE B 38 -3.38 -12.49 -22.72
CA PHE B 38 -3.29 -11.14 -22.20
C PHE B 38 -3.64 -10.10 -23.24
N VAL B 39 -3.23 -10.30 -24.50
CA VAL B 39 -3.63 -9.38 -25.57
C VAL B 39 -5.14 -9.28 -25.64
N SER B 40 -5.81 -10.43 -25.65
CA SER B 40 -7.27 -10.44 -25.72
C SER B 40 -7.89 -9.78 -24.49
N SER B 41 -7.34 -10.06 -23.31
CA SER B 41 -7.89 -9.50 -22.08
C SER B 41 -7.82 -7.98 -22.07
N TYR B 42 -6.64 -7.42 -22.41
CA TYR B 42 -6.52 -5.97 -22.46
C TYR B 42 -7.38 -5.37 -23.56
N HIS B 43 -7.43 -6.02 -24.74
CA HIS B 43 -8.27 -5.52 -25.81
C HIS B 43 -9.73 -5.40 -25.36
N ASP B 44 -10.22 -6.42 -24.65
CA ASP B 44 -11.62 -6.47 -24.25
C ASP B 44 -11.91 -5.65 -23.00
N GLY B 45 -10.89 -5.13 -22.32
CA GLY B 45 -11.13 -4.50 -21.04
C GLY B 45 -11.42 -5.48 -19.92
N ARG B 46 -11.01 -6.73 -20.08
CA ARG B 46 -11.23 -7.76 -19.07
C ARG B 46 -10.07 -7.86 -18.08
N ASP B 47 -9.16 -6.89 -18.10
CA ASP B 47 -8.05 -6.82 -17.15
C ASP B 47 -8.53 -6.29 -15.80
N VAL B 48 -9.28 -7.14 -15.09
CA VAL B 48 -9.89 -6.71 -13.82
C VAL B 48 -8.83 -6.35 -12.80
N TRP B 49 -7.63 -6.91 -12.92
CA TRP B 49 -6.57 -6.63 -11.97
C TRP B 49 -6.16 -5.16 -11.99
N THR B 50 -6.29 -4.48 -13.13
CA THR B 50 -5.79 -3.12 -13.24
C THR B 50 -6.43 -2.20 -12.21
N ASP B 51 -7.74 -2.36 -11.99
CA ASP B 51 -8.47 -1.49 -11.09
C ASP B 51 -8.79 -2.17 -9.76
N GLU B 52 -8.18 -3.32 -9.47
CA GLU B 52 -8.39 -3.97 -8.19
C GLU B 52 -7.62 -3.20 -7.11
N ALA B 53 -8.32 -2.76 -6.07
CA ALA B 53 -7.65 -1.93 -5.06
C ALA B 53 -6.54 -2.70 -4.35
N ALA B 54 -6.69 -4.01 -4.21
CA ALA B 54 -5.71 -4.84 -3.53
C ALA B 54 -4.40 -4.93 -4.28
N MET B 55 -4.35 -4.49 -5.55
CA MET B 55 -3.09 -4.48 -6.29
C MET B 55 -2.18 -3.30 -5.91
N ARG B 56 -2.69 -2.32 -5.17
CA ARG B 56 -1.91 -1.10 -4.92
C ARG B 56 -0.86 -1.20 -3.82
N PRO B 57 -1.05 -1.98 -2.76
CA PRO B 57 -0.01 -2.02 -1.72
C PRO B 57 1.36 -2.46 -2.20
N ALA B 58 1.46 -3.35 -3.19
CA ALA B 58 2.76 -3.92 -3.53
C ALA B 58 3.79 -2.85 -3.92
N SER B 59 3.40 -1.87 -4.74
CA SER B 59 4.33 -0.82 -5.15
C SER B 59 4.78 0.03 -3.97
N ALA B 60 3.87 0.33 -3.04
CA ALA B 60 4.23 1.09 -1.86
C ALA B 60 5.16 0.30 -0.96
N ILE B 61 4.97 -1.02 -0.90
CA ILE B 61 5.87 -1.88 -0.15
C ILE B 61 7.27 -1.83 -0.75
N LEU B 62 7.39 -1.96 -2.07
CA LEU B 62 8.72 -1.87 -2.66
C LEU B 62 9.34 -0.51 -2.37
N HIS B 63 8.57 0.57 -2.55
CA HIS B 63 9.16 1.87 -2.31
C HIS B 63 9.61 2.01 -0.86
N ALA B 64 8.85 1.44 0.08
CA ALA B 64 9.25 1.52 1.48
C ALA B 64 10.60 0.86 1.74
N HIS B 65 11.01 -0.09 0.90
CA HIS B 65 12.31 -0.72 1.00
C HIS B 65 13.39 0.01 0.22
N LEU B 66 13.03 1.05 -0.51
CA LEU B 66 13.99 1.90 -1.21
C LEU B 66 14.18 3.23 -0.49
N GLY B 67 13.08 3.95 -0.24
CA GLY B 67 13.14 5.14 0.58
C GLY B 67 13.72 6.35 -0.08
N ARG B 68 13.89 6.33 -1.41
CA ARG B 68 14.49 7.45 -2.13
C ARG B 68 14.15 7.29 -3.59
N PRO B 69 14.22 8.37 -4.38
CA PRO B 69 14.18 8.23 -5.84
C PRO B 69 15.34 7.37 -6.32
N ALA B 70 15.04 6.41 -7.17
CA ALA B 70 16.02 5.43 -7.61
C ALA B 70 15.66 5.00 -9.04
N VAL B 71 16.12 3.82 -9.44
CA VAL B 71 15.84 3.27 -10.76
C VAL B 71 15.12 1.94 -10.54
N VAL B 72 13.92 1.82 -11.10
CA VAL B 72 13.01 0.74 -10.74
C VAL B 72 12.54 0.02 -12.00
N LEU B 73 12.48 -1.31 -11.91
CA LEU B 73 11.94 -2.19 -12.95
C LEU B 73 10.54 -2.62 -12.58
N ASP B 74 9.60 -2.46 -13.51
CA ASP B 74 8.22 -2.93 -13.33
C ASP B 74 8.04 -4.09 -14.30
N ALA B 75 8.09 -5.31 -13.76
CA ALA B 75 8.13 -6.54 -14.55
C ALA B 75 6.71 -7.03 -14.78
N GLY B 76 6.22 -6.92 -16.01
CA GLY B 76 4.83 -7.21 -16.32
C GLY B 76 3.92 -6.05 -15.97
N ALA B 77 4.26 -4.86 -16.47
CA ALA B 77 3.72 -3.61 -15.96
C ALA B 77 2.26 -3.36 -16.34
N GLY B 78 1.70 -4.11 -17.28
CA GLY B 78 0.30 -3.89 -17.62
C GLY B 78 0.07 -2.49 -18.14
N ARG B 79 -1.06 -1.88 -17.71
CA ARG B 79 -1.41 -0.56 -18.20
C ARG B 79 -0.56 0.57 -17.62
N GLY B 80 0.22 0.31 -16.59
CA GLY B 80 1.14 1.30 -16.05
C GLY B 80 0.74 1.95 -14.75
N ARG B 81 -0.23 1.39 -14.00
CA ARG B 81 -0.62 1.99 -12.73
C ARG B 81 0.58 2.08 -11.79
N ASP B 82 1.31 0.98 -11.61
CA ASP B 82 2.46 1.01 -10.70
C ASP B 82 3.60 1.83 -11.28
N THR B 83 3.77 1.80 -12.60
CA THR B 83 4.81 2.61 -13.22
C THR B 83 4.58 4.08 -12.92
N ALA B 84 3.34 4.55 -13.05
CA ALA B 84 3.02 5.94 -12.71
C ALA B 84 3.25 6.19 -11.23
N TYR B 85 2.86 5.24 -10.38
CA TYR B 85 3.14 5.37 -8.94
C TYR B 85 4.62 5.62 -8.70
N PHE B 86 5.48 4.81 -9.31
CA PHE B 86 6.91 4.98 -9.10
C PHE B 86 7.42 6.29 -9.67
N LEU B 87 6.95 6.66 -10.86
CA LEU B 87 7.35 7.94 -11.45
C LEU B 87 6.99 9.10 -10.54
N GLU B 88 5.83 9.02 -9.87
CA GLU B 88 5.43 10.10 -8.96
C GLU B 88 6.28 10.15 -7.69
N GLN B 89 7.04 9.10 -7.37
CA GLN B 89 8.00 9.16 -6.27
C GLN B 89 9.36 9.65 -6.74
N GLY B 90 9.51 9.99 -8.01
CA GLY B 90 10.78 10.47 -8.54
C GLY B 90 11.68 9.41 -9.13
N HIS B 91 11.21 8.18 -9.24
CA HIS B 91 12.03 7.13 -9.82
C HIS B 91 12.14 7.29 -11.32
N ARG B 92 13.23 6.76 -11.85
CA ARG B 92 13.30 6.44 -13.27
C ARG B 92 12.85 5.00 -13.40
N VAL B 93 11.97 4.71 -14.34
CA VAL B 93 11.30 3.42 -14.39
C VAL B 93 11.49 2.79 -15.77
N THR B 94 11.78 1.49 -15.79
CA THR B 94 11.64 0.67 -16.99
C THR B 94 10.47 -0.26 -16.76
N ALA B 95 9.50 -0.20 -17.65
CA ALA B 95 8.27 -0.97 -17.59
C ALA B 95 8.27 -1.94 -18.75
N VAL B 96 8.11 -3.24 -18.44
CA VAL B 96 8.22 -4.31 -19.42
C VAL B 96 6.91 -5.10 -19.42
N ASP B 97 6.39 -5.41 -20.61
CA ASP B 97 5.23 -6.27 -20.68
C ASP B 97 5.18 -6.90 -22.07
N LEU B 98 4.58 -8.09 -22.17
CA LEU B 98 4.30 -8.69 -23.46
C LEU B 98 3.34 -7.84 -24.28
N VAL B 99 2.48 -7.06 -23.62
CA VAL B 99 1.42 -6.31 -24.27
C VAL B 99 1.71 -4.83 -24.10
N GLU B 100 1.57 -4.06 -25.18
CA GLU B 100 1.68 -2.61 -25.11
C GLU B 100 0.29 -2.01 -25.17
N PRO B 101 -0.32 -1.65 -24.05
CA PRO B 101 -1.68 -1.10 -24.06
C PRO B 101 -1.64 0.36 -24.48
N PRO B 102 -2.80 0.95 -24.80
CA PRO B 102 -2.81 2.34 -25.26
C PRO B 102 -2.31 3.33 -24.23
N GLU B 103 -2.32 2.95 -22.94
CA GLU B 103 -1.94 3.90 -21.90
C GLU B 103 -0.46 4.24 -21.94
N TRP B 104 0.37 3.43 -22.59
CA TRP B 104 1.80 3.67 -22.57
C TRP B 104 2.18 4.94 -23.31
N ALA B 105 1.57 5.18 -24.47
CA ALA B 105 1.95 6.36 -25.26
C ALA B 105 1.78 7.66 -24.50
N PRO B 106 0.64 7.96 -23.87
CA PRO B 106 0.54 9.19 -23.09
C PRO B 106 1.50 9.25 -21.91
N LEU B 107 1.75 8.12 -21.26
CA LEU B 107 2.72 8.10 -20.16
C LEU B 107 4.11 8.46 -20.66
N ALA B 108 4.50 7.90 -21.81
CA ALA B 108 5.81 8.20 -22.38
C ALA B 108 5.92 9.67 -22.73
N GLN B 109 4.86 10.26 -23.27
CA GLN B 109 4.91 11.67 -23.65
C GLN B 109 5.00 12.56 -22.42
N ARG B 110 4.31 12.19 -21.34
CA ARG B 110 4.31 13.01 -20.13
C ARG B 110 5.65 12.92 -19.40
N TRP B 111 6.21 11.72 -19.31
CA TRP B 111 7.37 11.50 -18.46
C TRP B 111 8.70 11.52 -19.20
N GLY B 112 8.69 11.45 -20.53
CA GLY B 112 9.91 11.56 -21.29
C GLY B 112 10.92 10.50 -20.89
N GLU B 113 12.17 10.92 -20.73
CA GLU B 113 13.23 9.96 -20.49
C GLU B 113 13.16 9.34 -19.11
N ARG B 114 12.28 9.81 -18.22
CA ARG B 114 12.14 9.19 -16.92
C ARG B 114 11.47 7.82 -17.00
N VAL B 115 10.81 7.50 -18.10
CA VAL B 115 10.19 6.18 -18.27
C VAL B 115 10.69 5.55 -19.57
N ARG B 116 10.92 4.24 -19.50
N ARG B 116 10.89 4.22 -19.53
CA ARG B 116 11.21 3.44 -20.68
CA ARG B 116 11.23 3.46 -20.71
C ARG B 116 10.19 2.31 -20.70
C ARG B 116 10.32 2.24 -20.78
N PHE B 117 9.45 2.20 -21.79
CA PHE B 117 8.53 1.10 -21.99
C PHE B 117 9.16 0.12 -22.97
N VAL B 118 9.12 -1.17 -22.65
CA VAL B 118 9.66 -2.20 -23.50
C VAL B 118 8.62 -3.29 -23.64
N ALA B 119 8.22 -3.59 -24.89
CA ALA B 119 7.27 -4.66 -25.17
C ALA B 119 8.09 -5.91 -25.47
N CYS B 120 8.34 -6.70 -24.45
CA CYS B 120 9.12 -7.93 -24.58
C CYS B 120 8.88 -8.77 -23.34
N PRO B 121 9.27 -10.05 -23.36
CA PRO B 121 9.22 -10.84 -22.13
C PRO B 121 10.24 -10.36 -21.12
N VAL B 122 9.87 -10.42 -19.83
CA VAL B 122 10.78 -10.01 -18.76
C VAL B 122 12.12 -10.72 -18.88
N SER B 123 12.11 -12.01 -19.20
N SER B 123 12.10 -12.01 -19.19
CA SER B 123 13.34 -12.78 -19.24
CA SER B 123 13.35 -12.79 -19.25
C SER B 123 14.26 -12.35 -20.37
C SER B 123 14.26 -12.36 -20.38
N GLU B 124 13.78 -11.51 -21.29
CA GLU B 124 14.59 -11.03 -22.41
C GLU B 124 15.11 -9.61 -22.22
N LEU B 125 14.85 -8.99 -21.07
CA LEU B 125 15.35 -7.63 -20.82
C LEU B 125 16.84 -7.69 -20.52
N ASP B 126 17.65 -7.04 -21.34
CA ASP B 126 19.10 -7.03 -21.19
C ASP B 126 19.51 -6.17 -19.99
N GLY B 127 20.62 -6.56 -19.39
CA GLY B 127 21.28 -5.69 -18.44
C GLY B 127 21.81 -6.40 -17.22
N GLU B 128 22.66 -5.71 -16.47
CA GLU B 128 23.21 -6.26 -15.23
C GLU B 128 23.41 -5.10 -14.27
N ALA B 129 22.89 -5.24 -13.06
CA ALA B 129 23.12 -4.26 -11.99
C ALA B 129 22.69 -2.86 -12.44
N ARG B 130 21.47 -2.77 -12.95
CA ARG B 130 20.90 -1.55 -13.47
C ARG B 130 19.78 -0.97 -12.61
N PHE B 131 19.16 -1.77 -11.75
CA PHE B 131 17.98 -1.35 -11.03
C PHE B 131 18.19 -1.47 -9.53
N ASP B 132 17.75 -0.45 -8.81
CA ASP B 132 17.74 -0.52 -7.34
C ASP B 132 16.55 -1.28 -6.81
N GLY B 133 15.45 -1.29 -7.55
CA GLY B 133 14.28 -2.04 -7.15
C GLY B 133 13.61 -2.68 -8.35
N ALA B 134 12.93 -3.78 -8.10
CA ALA B 134 12.13 -4.43 -9.13
C ALA B 134 10.82 -4.89 -8.49
N LEU B 135 9.73 -4.66 -9.20
CA LEU B 135 8.40 -5.09 -8.79
C LEU B 135 7.86 -6.11 -9.77
N ASP B 136 7.43 -7.25 -9.26
CA ASP B 136 6.64 -8.21 -10.03
C ASP B 136 5.27 -8.23 -9.37
N ASN B 137 4.32 -7.50 -9.93
CA ASN B 137 2.99 -7.43 -9.35
C ASN B 137 2.08 -8.34 -10.17
N GLY B 138 2.16 -9.64 -9.86
CA GLY B 138 1.28 -10.62 -10.47
C GLY B 138 1.67 -11.07 -11.86
N CYS B 139 2.98 -11.12 -12.15
CA CYS B 139 3.44 -11.64 -13.43
C CYS B 139 4.04 -13.04 -13.32
N LEU B 140 4.99 -13.23 -12.41
CA LEU B 140 5.65 -14.53 -12.24
C LEU B 140 4.64 -15.66 -12.08
N HIS B 141 3.57 -15.44 -11.32
CA HIS B 141 2.67 -16.54 -11.02
C HIS B 141 1.88 -17.04 -12.23
N HIS B 142 2.04 -16.40 -13.39
CA HIS B 142 1.45 -16.88 -14.64
C HIS B 142 2.47 -17.55 -15.55
N GLN B 143 3.73 -17.66 -15.12
CA GLN B 143 4.72 -18.23 -16.02
C GLN B 143 4.68 -19.76 -16.00
N HIS B 144 5.22 -20.35 -17.05
CA HIS B 144 5.42 -21.78 -17.05
C HIS B 144 6.38 -22.13 -15.91
N PRO B 145 6.09 -23.16 -15.11
CA PRO B 145 6.98 -23.46 -13.98
C PRO B 145 8.43 -23.70 -14.37
N ASP B 146 8.67 -24.22 -15.56
CA ASP B 146 10.04 -24.45 -16.02
C ASP B 146 10.73 -23.16 -16.45
N ALA B 147 10.02 -22.03 -16.46
CA ALA B 147 10.60 -20.74 -16.74
C ALA B 147 10.88 -19.91 -15.50
N TYR B 148 10.45 -20.37 -14.31
CA TYR B 148 10.66 -19.57 -13.09
C TYR B 148 12.13 -19.26 -12.90
N GLY B 149 12.99 -20.25 -13.05
CA GLY B 149 14.41 -20.05 -12.79
C GLY B 149 15.03 -19.01 -13.70
N THR B 150 14.75 -19.10 -15.01
CA THR B 150 15.28 -18.14 -15.97
C THR B 150 14.75 -16.74 -15.69
N TYR B 151 13.45 -16.64 -15.43
CA TYR B 151 12.81 -15.36 -15.13
C TYR B 151 13.43 -14.73 -13.90
N LEU B 152 13.48 -15.47 -12.79
CA LEU B 152 14.02 -14.91 -11.55
C LEU B 152 15.50 -14.60 -11.68
N ALA B 153 16.25 -15.41 -12.44
CA ALA B 153 17.67 -15.14 -12.63
C ALA B 153 17.87 -13.83 -13.40
N ARG B 154 16.98 -13.53 -14.35
CA ARG B 154 17.10 -12.28 -15.08
C ARG B 154 16.88 -11.11 -14.14
N ILE B 155 15.84 -11.17 -13.30
CA ILE B 155 15.61 -10.12 -12.32
C ILE B 155 16.77 -10.00 -11.36
N HIS B 156 17.29 -11.14 -10.89
CA HIS B 156 18.39 -11.14 -9.96
C HIS B 156 19.61 -10.42 -10.55
N ALA B 157 19.91 -10.70 -11.82
CA ALA B 157 21.07 -10.07 -12.45
C ALA B 157 20.82 -8.59 -12.73
N LEU B 158 19.59 -8.23 -13.09
CA LEU B 158 19.24 -6.84 -13.39
C LEU B 158 19.35 -5.95 -12.17
N LEU B 159 19.17 -6.50 -10.97
CA LEU B 159 19.23 -5.69 -9.76
C LEU B 159 20.66 -5.36 -9.40
N ARG B 160 20.86 -4.14 -8.92
CA ARG B 160 22.12 -3.77 -8.32
C ARG B 160 22.36 -4.62 -7.08
N PRO B 161 23.61 -4.67 -6.61
CA PRO B 161 23.92 -5.60 -5.50
C PRO B 161 23.09 -5.38 -4.25
N ASP B 162 22.73 -4.13 -3.91
CA ASP B 162 21.91 -3.83 -2.75
C ASP B 162 20.44 -3.68 -3.11
N GLY B 163 20.05 -4.14 -4.29
CA GLY B 163 18.70 -3.96 -4.76
C GLY B 163 17.67 -4.77 -3.97
N ARG B 164 16.41 -4.41 -4.18
CA ARG B 164 15.29 -5.08 -3.54
C ARG B 164 14.28 -5.50 -4.58
N PHE B 165 13.70 -6.68 -4.38
CA PHE B 165 12.73 -7.29 -5.29
C PHE B 165 11.45 -7.53 -4.50
N THR B 166 10.35 -6.95 -4.94
CA THR B 166 9.04 -7.21 -4.34
C THR B 166 8.20 -7.96 -5.35
N ILE B 167 7.64 -9.09 -4.91
CA ILE B 167 6.83 -9.95 -5.77
C ILE B 167 5.49 -10.22 -5.09
N SER B 168 4.42 -10.06 -5.85
CA SER B 168 3.07 -10.37 -5.39
C SER B 168 2.55 -11.58 -6.16
N VAL B 169 2.05 -12.57 -5.42
CA VAL B 169 1.48 -13.79 -5.99
C VAL B 169 0.15 -14.09 -5.33
N PHE B 170 -0.65 -14.91 -6.00
CA PHE B 170 -1.87 -15.45 -5.38
C PHE B 170 -1.49 -16.29 -4.16
N GLU B 171 -2.15 -16.04 -3.04
CA GLU B 171 -1.93 -16.86 -1.86
C GLU B 171 -2.80 -18.11 -1.91
N SER B 172 -2.20 -19.25 -1.57
CA SER B 172 -2.88 -20.53 -1.53
C SER B 172 -3.45 -20.79 -0.15
N ASP B 173 -4.58 -21.48 -0.13
CA ASP B 173 -5.16 -22.06 1.07
C ASP B 173 -4.76 -23.54 1.06
N GLY B 174 -3.84 -23.91 1.94
CA GLY B 174 -3.25 -25.23 1.89
C GLY B 174 -2.12 -25.24 0.88
N PRO B 175 -1.55 -26.43 0.62
CA PRO B 175 -0.42 -26.52 -0.32
C PRO B 175 -0.76 -25.91 -1.66
N GLY B 176 0.18 -25.14 -2.20
CA GLY B 176 -0.09 -24.41 -3.43
C GLY B 176 -0.14 -25.31 -4.64
N ARG B 177 -1.07 -25.02 -5.54
CA ARG B 177 -1.30 -25.82 -6.72
C ARG B 177 -1.26 -24.95 -7.96
N LEU B 178 -1.12 -25.61 -9.11
CA LEU B 178 -1.09 -24.96 -10.41
C LEU B 178 -2.45 -25.13 -11.07
N TYR B 179 -3.01 -24.03 -11.56
CA TYR B 179 -4.32 -24.00 -12.19
C TYR B 179 -4.20 -23.38 -13.57
N ALA B 180 -5.28 -23.49 -14.34
CA ALA B 180 -5.34 -22.79 -15.61
C ALA B 180 -6.74 -22.23 -15.81
N ASN B 181 -6.81 -21.07 -16.48
CA ASN B 181 -8.11 -20.54 -16.90
C ASN B 181 -8.53 -21.22 -18.20
N HIS B 182 -9.69 -20.82 -18.72
CA HIS B 182 -10.21 -21.48 -19.91
C HIS B 182 -9.36 -21.19 -21.14
N ALA B 183 -8.70 -20.04 -21.18
CA ALA B 183 -7.79 -19.71 -22.27
C ALA B 183 -6.47 -20.45 -22.17
N GLN B 184 -6.26 -21.24 -21.12
CA GLN B 184 -5.06 -22.06 -20.86
C GLN B 184 -3.93 -21.26 -20.22
N ARG B 185 -4.18 -20.04 -19.75
CA ARG B 185 -3.18 -19.32 -18.97
C ARG B 185 -3.03 -19.98 -17.61
N LEU B 186 -1.79 -20.13 -17.15
CA LEU B 186 -1.49 -20.77 -15.89
C LEU B 186 -1.60 -19.78 -14.75
N TYR B 187 -1.99 -20.29 -13.57
CA TYR B 187 -2.08 -19.54 -12.32
C TYR B 187 -1.50 -20.44 -11.24
N ARG B 188 -0.42 -20.02 -10.62
CA ARG B 188 0.14 -20.73 -9.47
C ARG B 188 -0.20 -19.98 -8.20
N GLU B 189 -0.76 -20.68 -7.22
CA GLU B 189 -0.97 -20.14 -5.88
C GLU B 189 0.12 -20.66 -4.96
N PHE B 190 0.60 -19.82 -4.07
CA PHE B 190 1.71 -20.16 -3.19
C PHE B 190 1.32 -19.99 -1.73
N THR B 191 1.83 -20.89 -0.89
CA THR B 191 1.90 -20.55 0.54
C THR B 191 3.13 -19.70 0.77
N GLU B 192 3.18 -19.06 1.93
CA GLU B 192 4.35 -18.27 2.27
C GLU B 192 5.63 -19.08 2.27
N PRO B 193 5.70 -20.27 2.88
CA PRO B 193 6.94 -21.06 2.79
C PRO B 193 7.29 -21.47 1.37
N GLU B 194 6.30 -21.74 0.52
CA GLU B 194 6.61 -22.10 -0.87
C GLU B 194 7.23 -20.94 -1.61
N LEU B 195 6.68 -19.72 -1.44
CA LEU B 195 7.27 -18.58 -2.12
C LEU B 195 8.66 -18.26 -1.59
N ALA B 196 8.85 -18.34 -0.27
CA ALA B 196 10.17 -18.12 0.29
C ALA B 196 11.17 -19.14 -0.24
N GLU B 197 10.76 -20.41 -0.37
CA GLU B 197 11.65 -21.43 -0.89
C GLU B 197 12.00 -21.17 -2.35
N LEU B 198 11.03 -20.76 -3.16
CA LEU B 198 11.31 -20.39 -4.55
C LEU B 198 12.31 -19.25 -4.62
N LEU B 199 12.10 -18.20 -3.82
CA LEU B 199 13.04 -17.09 -3.83
C LEU B 199 14.43 -17.54 -3.38
N ARG B 200 14.51 -18.36 -2.33
CA ARG B 200 15.83 -18.83 -1.87
C ARG B 200 16.53 -19.65 -2.94
N ALA B 201 15.80 -20.50 -3.66
CA ALA B 201 16.42 -21.29 -4.73
C ALA B 201 16.93 -20.38 -5.85
N ALA B 202 16.32 -19.21 -6.01
CA ALA B 202 16.75 -18.22 -6.99
C ALA B 202 17.74 -17.20 -6.41
N HIS B 203 18.33 -17.51 -5.25
CA HIS B 203 19.41 -16.71 -4.67
C HIS B 203 18.92 -15.37 -4.14
N PHE B 204 17.67 -15.35 -3.67
CA PHE B 204 17.09 -14.21 -2.97
C PHE B 204 16.84 -14.60 -1.52
N THR B 205 17.02 -13.65 -0.62
CA THR B 205 16.68 -13.86 0.78
C THR B 205 15.53 -12.94 1.16
N PRO B 206 14.38 -13.48 1.57
CA PRO B 206 13.26 -12.61 1.95
C PRO B 206 13.59 -11.72 3.13
N VAL B 207 13.11 -10.48 3.05
CA VAL B 207 13.23 -9.51 4.14
C VAL B 207 11.89 -8.99 4.62
N ASP B 208 10.79 -9.29 3.93
CA ASP B 208 9.47 -8.81 4.30
C ASP B 208 8.46 -9.76 3.67
N SER B 209 7.32 -9.93 4.35
CA SER B 209 6.25 -10.74 3.81
C SER B 209 4.94 -10.16 4.32
N GLN B 210 4.01 -9.87 3.41
CA GLN B 210 2.72 -9.32 3.80
C GLN B 210 1.60 -10.07 3.10
N ARG B 211 0.48 -10.22 3.82
CA ARG B 211 -0.74 -10.82 3.28
C ARG B 211 -1.71 -9.68 3.00
N VAL B 212 -2.03 -9.46 1.73
CA VAL B 212 -2.84 -8.32 1.32
C VAL B 212 -4.24 -8.84 0.99
N PRO B 213 -5.29 -8.36 1.67
CA PRO B 213 -6.62 -8.89 1.39
C PRO B 213 -7.12 -8.43 0.04
N ARG B 214 -7.88 -9.33 -0.61
CA ARG B 214 -8.55 -9.05 -1.88
C ARG B 214 -10.03 -9.11 -1.58
N PRO B 215 -10.64 -8.01 -1.11
CA PRO B 215 -12.00 -8.09 -0.54
C PRO B 215 -13.04 -8.60 -1.52
N LYS B 216 -13.07 -8.08 -2.76
CA LYS B 216 -14.11 -8.51 -3.67
C LYS B 216 -13.93 -9.96 -4.11
N ALA B 217 -12.68 -10.42 -4.21
CA ALA B 217 -12.43 -11.80 -4.60
C ALA B 217 -12.56 -12.76 -3.41
N GLY B 218 -12.52 -12.26 -2.19
CA GLY B 218 -12.51 -13.14 -1.03
C GLY B 218 -11.23 -13.92 -0.85
N LEU B 219 -10.10 -13.35 -1.27
CA LEU B 219 -8.81 -14.04 -1.32
C LEU B 219 -7.74 -13.10 -0.76
N HIS B 220 -6.47 -13.49 -0.94
CA HIS B 220 -5.35 -12.66 -0.54
C HIS B 220 -4.23 -12.77 -1.57
N TYR B 221 -3.44 -11.69 -1.66
CA TYR B 221 -2.14 -11.74 -2.31
C TYR B 221 -1.08 -11.91 -1.24
N LEU B 222 -0.01 -12.62 -1.58
N LEU B 222 -0.05 -12.67 -1.56
CA LEU B 222 1.18 -12.71 -0.75
CA LEU B 222 1.19 -12.70 -0.79
C LEU B 222 2.24 -11.85 -1.40
C LEU B 222 2.16 -11.75 -1.46
N VAL B 223 2.66 -10.78 -0.71
CA VAL B 223 3.61 -9.81 -1.22
C VAL B 223 4.90 -9.94 -0.42
N MET B 224 5.94 -10.46 -1.06
CA MET B 224 7.20 -10.76 -0.40
C MET B 224 8.29 -9.88 -1.01
N THR B 225 9.14 -9.34 -0.16
CA THR B 225 10.26 -8.53 -0.62
C THR B 225 11.55 -9.24 -0.22
N ALA B 226 12.55 -9.16 -1.10
CA ALA B 226 13.77 -9.92 -0.90
C ALA B 226 14.97 -9.10 -1.32
N ARG B 227 16.11 -9.43 -0.72
CA ARG B 227 17.41 -8.95 -1.15
C ARG B 227 18.16 -10.11 -1.79
N LYS B 228 19.29 -9.81 -2.41
CA LYS B 228 20.13 -10.90 -2.88
C LYS B 228 20.74 -11.65 -1.71
N THR B 229 20.77 -12.97 -1.82
CA THR B 229 21.46 -13.77 -0.82
C THR B 229 22.96 -13.49 -0.88
N ASP B 230 23.59 -13.36 0.28
CA ASP B 230 25.02 -13.06 0.30
C ASP B 230 25.75 -13.87 1.36
#